data_6GQN
#
_entry.id   6GQN
#
_cell.length_a   83.084
_cell.length_b   26.373
_cell.length_c   65.899
_cell.angle_alpha   90.00
_cell.angle_beta   106.43
_cell.angle_gamma   90.00
#
_symmetry.space_group_name_H-M   'C 1 2 1'
#
loop_
_entity.id
_entity.type
_entity.pdbx_description
1 polymer 'Cell cycle protein GpsB'
2 polymer SpPBP2a
3 non-polymer 'SULFATE ION'
4 non-polymer 'NICKEL (II) ION'
5 water water
#
loop_
_entity_poly.entity_id
_entity_poly.type
_entity_poly.pdbx_seq_one_letter_code
_entity_poly.pdbx_strand_id
1 'polypeptide(L)' GAIIFSAKDIFEQEFGREVRGYNKVEVDEFLDDVIKDYETYAALVKSLRQEIADLKEELTRK A,B
2 'polypeptide(L)' TILRRSRSDRKKLA C,G
#
loop_
_chem_comp.id
_chem_comp.type
_chem_comp.name
_chem_comp.formula
NI non-polymer 'NICKEL (II) ION' 'Ni 2'
SO4 non-polymer 'SULFATE ION' 'O4 S -2'
#
# COMPACT_ATOMS: atom_id res chain seq x y z
N GLY A 1 -4.32 13.47 -5.62
CA GLY A 1 -4.46 12.49 -6.68
C GLY A 1 -5.22 11.27 -6.16
N ALA A 2 -5.01 10.13 -6.82
CA ALA A 2 -5.89 8.99 -6.55
C ALA A 2 -5.43 8.18 -5.36
N ILE A 3 -4.23 8.45 -4.86
CA ILE A 3 -3.64 7.70 -3.75
C ILE A 3 -4.06 8.40 -2.46
N ILE A 4 -4.47 7.61 -1.50
CA ILE A 4 -4.97 8.17 -0.24
C ILE A 4 -3.85 8.51 0.72
N PHE A 5 -2.93 7.57 0.92
CA PHE A 5 -1.87 7.68 1.89
C PHE A 5 -0.51 7.76 1.22
N SER A 6 0.45 8.27 1.95
CA SER A 6 1.86 8.11 1.64
C SER A 6 2.42 7.12 2.64
N ALA A 7 3.63 6.62 2.36
CA ALA A 7 4.31 5.80 3.36
C ALA A 7 4.34 6.50 4.70
N LYS A 8 4.52 7.83 4.66
CA LYS A 8 4.60 8.62 5.85
C LYS A 8 3.35 8.42 6.68
N ASP A 9 2.21 8.34 6.03
CA ASP A 9 0.95 8.25 6.74
C ASP A 9 0.85 6.90 7.43
N ILE A 10 1.41 5.87 6.78
CA ILE A 10 1.37 4.53 7.36
C ILE A 10 2.22 4.51 8.60
N PHE A 11 3.37 5.15 8.52
CA PHE A 11 4.29 5.24 9.64
C PHE A 11 3.67 5.99 10.82
N GLU A 12 2.98 7.09 10.54
CA GLU A 12 2.48 7.97 11.59
C GLU A 12 1.17 7.47 12.19
N GLN A 13 0.49 6.58 11.52
CA GLN A 13 -0.86 6.21 11.92
C GLN A 13 -0.90 5.65 13.34
N GLU A 14 -1.81 6.18 14.13
CA GLU A 14 -1.96 5.67 15.49
C GLU A 14 -3.36 5.10 15.63
N PHE A 15 -3.47 4.13 16.54
CA PHE A 15 -4.74 3.47 16.81
C PHE A 15 -4.94 3.52 18.30
N GLY A 16 -6.15 3.81 18.73
CA GLY A 16 -6.44 3.67 20.12
C GLY A 16 -6.43 2.21 20.51
N ARG A 17 -6.35 1.95 21.80
CA ARG A 17 -6.40 0.58 22.28
C ARG A 17 -7.81 0.33 22.80
N GLU A 18 -8.26 -0.92 22.70
CA GLU A 18 -9.56 -1.36 23.20
C GLU A 18 -9.31 -2.61 24.05
N VAL A 19 -10.35 -3.14 24.67
CA VAL A 19 -10.10 -4.10 25.73
C VAL A 19 -9.51 -5.40 25.18
N ARG A 20 -9.97 -5.86 24.00
CA ARG A 20 -9.60 -7.12 23.38
C ARG A 20 -9.20 -6.91 21.90
N GLY A 21 -8.27 -6.01 21.66
CA GLY A 21 -7.98 -5.58 20.29
C GLY A 21 -7.02 -6.48 19.53
N TYR A 22 -6.66 -5.99 18.36
CA TYR A 22 -5.58 -6.60 17.59
C TYR A 22 -4.26 -6.57 18.32
N ASN A 23 -3.52 -7.67 18.22
CA ASN A 23 -2.14 -7.69 18.69
C ASN A 23 -1.35 -6.56 18.05
N LYS A 24 -0.74 -5.71 18.88
CA LYS A 24 -0.15 -4.47 18.36
C LYS A 24 1.13 -4.75 17.63
N VAL A 25 1.97 -5.66 18.14
CA VAL A 25 3.22 -5.99 17.49
C VAL A 25 2.98 -6.60 16.12
N GLU A 26 1.92 -7.40 16.01
CA GLU A 26 1.58 -8.01 14.73
C GLU A 26 1.06 -6.97 13.76
N VAL A 27 0.18 -6.09 14.22
CA VAL A 27 -0.29 -5.02 13.35
C VAL A 27 0.89 -4.17 12.87
N ASP A 28 1.74 -3.80 13.79
CA ASP A 28 2.84 -2.89 13.46
C ASP A 28 3.88 -3.54 12.56
N GLU A 29 4.17 -4.84 12.74
CA GLU A 29 5.08 -5.54 11.83
C GLU A 29 4.47 -5.63 10.44
N PHE A 30 3.16 -5.88 10.38
CA PHE A 30 2.44 -5.90 9.12
C PHE A 30 2.53 -4.56 8.45
N LEU A 31 2.21 -3.48 9.19
CA LEU A 31 2.26 -2.13 8.60
C LEU A 31 3.67 -1.78 8.16
N ASP A 32 4.69 -2.34 8.76
CA ASP A 32 6.03 -2.02 8.32
C ASP A 32 6.25 -2.53 6.93
N ASP A 33 5.60 -3.65 6.59
CA ASP A 33 5.69 -4.17 5.24
C ASP A 33 4.86 -3.34 4.31
N VAL A 34 3.72 -2.85 4.81
CA VAL A 34 2.91 -1.95 4.01
C VAL A 34 3.70 -0.69 3.71
N ILE A 35 4.39 -0.16 4.69
CA ILE A 35 5.24 1.00 4.43
C ILE A 35 6.17 0.70 3.28
N LYS A 36 6.78 -0.46 3.31
CA LYS A 36 7.76 -0.76 2.26
C LYS A 36 7.08 -0.79 0.90
N ASP A 37 5.87 -1.35 0.84
CA ASP A 37 5.10 -1.39 -0.40
C ASP A 37 4.73 0.00 -0.89
N TYR A 38 4.34 0.89 0.02
CA TYR A 38 4.05 2.24 -0.43
C TYR A 38 5.32 2.91 -0.94
N GLU A 39 6.43 2.73 -0.24
CA GLU A 39 7.68 3.27 -0.77
C GLU A 39 7.99 2.71 -2.14
N THR A 40 7.78 1.40 -2.34
CA THR A 40 8.15 0.77 -3.60
C THR A 40 7.25 1.23 -4.71
N TYR A 41 5.94 1.19 -4.45
CA TYR A 41 4.99 1.63 -5.46
C TYR A 41 5.21 3.07 -5.83
N ALA A 42 5.40 3.94 -4.84
CA ALA A 42 5.60 5.35 -5.17
C ALA A 42 6.82 5.53 -6.04
N ALA A 43 7.91 4.83 -5.70
CA ALA A 43 9.11 4.93 -6.53
C ALA A 43 8.88 4.35 -7.91
N LEU A 44 8.08 3.29 -8.02
CA LEU A 44 7.88 2.65 -9.34
C LEU A 44 7.09 3.57 -10.26
N VAL A 45 6.08 4.19 -9.71
CA VAL A 45 5.22 5.09 -10.47
C VAL A 45 5.99 6.33 -10.90
N LYS A 46 6.77 6.92 -10.01
CA LYS A 46 7.59 8.08 -10.42
C LYS A 46 8.48 7.72 -11.61
N SER A 47 9.11 6.56 -11.54
CA SER A 47 10.05 6.18 -12.58
C SER A 47 9.30 5.83 -13.86
N LEU A 48 8.19 5.12 -13.73
CA LEU A 48 7.42 4.78 -14.92
C LEU A 48 6.83 6.02 -15.56
N ARG A 49 6.24 6.91 -14.76
CA ARG A 49 5.65 8.05 -15.45
C ARG A 49 6.73 8.93 -16.08
N GLN A 50 7.93 8.98 -15.52
CA GLN A 50 8.97 9.79 -16.18
C GLN A 50 9.46 9.13 -17.45
N GLU A 51 9.59 7.81 -17.42
CA GLU A 51 9.99 7.08 -18.61
C GLU A 51 9.01 7.36 -19.72
N ILE A 52 7.72 7.27 -19.42
CA ILE A 52 6.69 7.52 -20.41
C ILE A 52 6.83 8.91 -20.98
N ALA A 53 6.96 9.90 -20.10
CA ALA A 53 7.11 11.26 -20.59
C ALA A 53 8.31 11.33 -21.52
N ASP A 54 9.43 10.72 -21.13
CA ASP A 54 10.62 10.80 -21.98
C ASP A 54 10.45 10.05 -23.30
N LEU A 55 9.83 8.87 -23.28
CA LEU A 55 9.62 8.16 -24.53
C LEU A 55 8.66 8.92 -25.43
N LYS A 56 7.67 9.56 -24.86
CA LYS A 56 6.77 10.34 -25.75
C LYS A 56 7.48 11.53 -26.35
N GLU A 57 8.32 12.17 -25.56
CA GLU A 57 9.06 13.31 -26.10
C GLU A 57 9.93 12.85 -27.25
N GLU A 58 10.49 11.65 -27.13
CA GLU A 58 11.31 11.12 -28.20
C GLU A 58 10.47 10.75 -29.41
N LEU A 59 9.38 10.04 -29.20
CA LEU A 59 8.58 9.53 -30.30
C LEU A 59 7.94 10.65 -31.08
N THR A 60 7.48 11.68 -30.39
CA THR A 60 6.69 12.70 -31.08
C THR A 60 7.53 13.76 -31.74
N ARG A 61 8.84 13.59 -31.80
CA ARG A 61 9.74 14.55 -32.40
C ARG A 61 10.51 13.91 -33.55
N LYS A 62 11.10 14.75 -34.42
CA LYS A 62 12.10 14.23 -35.32
C LYS A 62 13.21 13.55 -34.46
N GLY B 1 8.05 -10.50 -7.21
CA GLY B 1 8.32 -9.13 -7.59
C GLY B 1 8.59 -8.31 -6.35
N ALA B 2 8.69 -7.01 -6.52
CA ALA B 2 9.15 -6.15 -5.42
C ALA B 2 8.08 -5.84 -4.42
N ILE B 3 6.81 -6.14 -4.74
CA ILE B 3 5.71 -5.81 -3.85
C ILE B 3 5.47 -6.96 -2.90
N ILE B 4 5.28 -6.64 -1.61
CA ILE B 4 5.08 -7.69 -0.62
C ILE B 4 3.65 -8.24 -0.67
N PHE B 5 2.66 -7.33 -0.67
CA PHE B 5 1.25 -7.63 -0.51
C PHE B 5 0.45 -7.28 -1.74
N SER B 6 -0.70 -7.96 -1.88
CA SER B 6 -1.75 -7.49 -2.77
C SER B 6 -2.85 -6.89 -1.92
N ALA B 7 -3.79 -6.21 -2.57
CA ALA B 7 -4.94 -5.71 -1.83
C ALA B 7 -5.66 -6.85 -1.14
N LYS B 8 -5.82 -7.96 -1.88
CA LYS B 8 -6.47 -9.13 -1.30
C LYS B 8 -5.77 -9.57 -0.01
N ASP B 9 -4.43 -9.50 0.02
CA ASP B 9 -3.70 -9.87 1.25
C ASP B 9 -4.01 -8.93 2.39
N ILE B 10 -4.14 -7.63 2.11
CA ILE B 10 -4.48 -6.71 3.19
C ILE B 10 -5.85 -7.04 3.75
N PHE B 11 -6.81 -7.35 2.89
CA PHE B 11 -8.14 -7.72 3.35
C PHE B 11 -8.11 -9.03 4.12
N GLU B 12 -7.32 -10.01 3.66
CA GLU B 12 -7.38 -11.32 4.27
C GLU B 12 -6.50 -11.47 5.48
N GLN B 13 -5.63 -10.51 5.75
CA GLN B 13 -4.67 -10.62 6.85
C GLN B 13 -5.39 -10.83 8.18
N GLU B 14 -4.94 -11.82 8.94
CA GLU B 14 -5.50 -12.04 10.27
C GLU B 14 -4.51 -11.59 11.33
N PHE B 15 -5.02 -11.16 12.49
CA PHE B 15 -4.14 -10.79 13.58
C PHE B 15 -4.63 -11.53 14.80
N GLY B 16 -3.72 -11.85 15.70
CA GLY B 16 -4.17 -12.31 17.01
C GLY B 16 -4.84 -11.20 17.76
N ARG B 17 -5.51 -11.57 18.84
CA ARG B 17 -6.08 -10.60 19.75
C ARG B 17 -5.20 -10.52 20.99
N GLU B 18 -5.19 -9.36 21.62
CA GLU B 18 -4.57 -9.26 22.93
C GLU B 18 -5.34 -8.27 23.77
N VAL B 19 -5.25 -8.39 25.09
CA VAL B 19 -5.83 -7.36 25.91
C VAL B 19 -5.04 -6.10 25.67
N ARG B 20 -5.74 -4.98 25.64
CA ARG B 20 -5.19 -3.68 25.31
C ARG B 20 -4.53 -3.69 23.94
N GLY B 21 -5.06 -4.44 23.00
CA GLY B 21 -4.59 -4.35 21.62
C GLY B 21 -5.20 -3.18 20.91
N TYR B 22 -4.88 -3.06 19.62
CA TYR B 22 -5.41 -1.97 18.84
C TYR B 22 -6.90 -2.13 18.58
N ASN B 23 -7.64 -1.03 18.65
CA ASN B 23 -9.04 -1.01 18.28
C ASN B 23 -9.22 -1.60 16.88
N LYS B 24 -9.97 -2.70 16.79
CA LYS B 24 -10.08 -3.42 15.50
C LYS B 24 -10.81 -2.58 14.46
N VAL B 25 -11.83 -1.84 14.91
CA VAL B 25 -12.60 -1.03 13.99
C VAL B 25 -11.72 0.00 13.35
N GLU B 26 -10.85 0.61 14.17
CA GLU B 26 -9.99 1.67 13.71
C GLU B 26 -8.95 1.11 12.76
N VAL B 27 -8.33 0.00 13.12
CA VAL B 27 -7.36 -0.62 12.21
C VAL B 27 -8.03 -1.02 10.91
N ASP B 28 -9.21 -1.62 11.00
CA ASP B 28 -9.87 -2.08 9.79
C ASP B 28 -10.27 -0.92 8.90
N GLU B 29 -10.78 0.16 9.49
CA GLU B 29 -11.20 1.28 8.64
C GLU B 29 -10.01 1.98 8.05
N PHE B 30 -8.89 1.92 8.74
CA PHE B 30 -7.64 2.40 8.14
C PHE B 30 -7.19 1.47 7.02
N LEU B 31 -7.26 0.14 7.23
CA LEU B 31 -6.86 -0.80 6.18
C LEU B 31 -7.81 -0.78 4.98
N ASP B 32 -9.06 -0.33 5.16
CA ASP B 32 -9.93 -0.08 4.01
C ASP B 32 -9.23 0.83 3.03
N ASP B 33 -8.62 1.89 3.54
CA ASP B 33 -8.02 2.87 2.66
C ASP B 33 -6.70 2.36 2.11
N VAL B 34 -5.96 1.61 2.94
CA VAL B 34 -4.73 0.96 2.46
C VAL B 34 -5.07 0.05 1.30
N ILE B 35 -6.12 -0.76 1.45
CA ILE B 35 -6.55 -1.63 0.37
C ILE B 35 -6.86 -0.81 -0.87
N LYS B 36 -7.57 0.29 -0.72
CA LYS B 36 -7.90 1.06 -1.93
C LYS B 36 -6.64 1.57 -2.60
N ASP B 37 -5.60 1.88 -1.83
CA ASP B 37 -4.35 2.33 -2.45
C ASP B 37 -3.63 1.17 -3.09
N TYR B 38 -3.68 -0.02 -2.49
CA TYR B 38 -3.08 -1.16 -3.16
C TYR B 38 -3.76 -1.42 -4.49
N GLU B 39 -5.09 -1.32 -4.53
CA GLU B 39 -5.77 -1.48 -5.80
C GLU B 39 -5.37 -0.39 -6.79
N THR B 40 -5.34 0.85 -6.34
CA THR B 40 -4.99 1.97 -7.23
C THR B 40 -3.57 1.82 -7.73
N TYR B 41 -2.62 1.55 -6.82
CA TYR B 41 -1.23 1.40 -7.23
C TYR B 41 -1.03 0.22 -8.19
N ALA B 42 -1.65 -0.93 -7.91
CA ALA B 42 -1.53 -2.06 -8.83
C ALA B 42 -2.04 -1.70 -10.20
N ALA B 43 -3.17 -0.98 -10.27
CA ALA B 43 -3.75 -0.57 -11.54
C ALA B 43 -2.86 0.46 -12.23
N LEU B 44 -2.30 1.40 -11.45
CA LEU B 44 -1.40 2.42 -12.00
C LEU B 44 -0.16 1.80 -12.60
N VAL B 45 0.51 0.90 -11.88
CA VAL B 45 1.75 0.39 -12.47
C VAL B 45 1.43 -0.41 -13.71
N LYS B 46 0.29 -1.12 -13.70
CA LYS B 46 -0.10 -1.90 -14.87
C LYS B 46 -0.35 -0.98 -16.04
N SER B 47 -1.18 0.04 -15.81
CA SER B 47 -1.45 0.99 -16.90
C SER B 47 -0.16 1.55 -17.45
N LEU B 48 0.71 2.01 -16.57
CA LEU B 48 1.96 2.67 -17.00
C LEU B 48 2.89 1.71 -17.73
N ARG B 49 3.14 0.52 -17.16
CA ARG B 49 4.06 -0.37 -17.83
C ARG B 49 3.52 -0.80 -19.18
N GLN B 50 2.20 -0.95 -19.29
CA GLN B 50 1.62 -1.32 -20.58
C GLN B 50 1.79 -0.19 -21.59
N GLU B 51 1.62 1.05 -21.15
CA GLU B 51 1.79 2.15 -22.06
C GLU B 51 3.23 2.26 -22.51
N ILE B 52 4.17 2.06 -21.58
CA ILE B 52 5.58 2.10 -21.95
C ILE B 52 5.89 1.06 -23.01
N ALA B 53 5.38 -0.16 -22.82
CA ALA B 53 5.67 -1.22 -23.79
C ALA B 53 5.17 -0.84 -25.17
N ASP B 54 3.98 -0.23 -25.25
CA ASP B 54 3.42 0.25 -26.52
C ASP B 54 4.27 1.35 -27.13
N LEU B 55 4.70 2.33 -26.31
CA LEU B 55 5.56 3.40 -26.84
C LEU B 55 6.89 2.84 -27.34
N LYS B 56 7.49 1.91 -26.61
CA LYS B 56 8.74 1.33 -27.12
C LYS B 56 8.50 0.54 -28.39
N GLU B 57 7.36 -0.13 -28.50
CA GLU B 57 7.13 -0.85 -29.73
C GLU B 57 7.05 0.12 -30.89
N GLU B 58 6.39 1.26 -30.66
CA GLU B 58 6.28 2.23 -31.74
C GLU B 58 7.63 2.83 -32.06
N LEU B 59 8.48 3.04 -31.06
CA LEU B 59 9.71 3.80 -31.28
C LEU B 59 10.76 2.96 -31.95
N THR B 60 10.77 1.69 -31.65
CA THR B 60 11.86 0.84 -32.09
C THR B 60 11.60 0.18 -33.42
N ARG B 61 10.50 0.51 -34.08
CA ARG B 61 10.17 -0.08 -35.37
C ARG B 61 10.19 0.98 -36.45
N LYS B 62 10.20 0.54 -37.68
CA LYS B 62 10.01 1.46 -38.79
C LYS B 62 8.64 2.13 -38.66
N THR C 1 -14.38 -1.73 -2.35
CA THR C 1 -15.26 -2.58 -3.12
C THR C 1 -15.60 -3.79 -2.25
N ILE C 2 -15.51 -4.99 -2.82
CA ILE C 2 -15.68 -6.20 -2.01
C ILE C 2 -14.60 -6.28 -0.94
N LEU C 3 -13.42 -5.68 -1.21
CA LEU C 3 -12.33 -5.70 -0.23
C LEU C 3 -12.46 -4.56 0.75
N ARG C 4 -13.62 -4.40 1.38
CA ARG C 4 -13.74 -3.44 2.46
C ARG C 4 -13.47 -4.23 3.74
N ARG C 5 -12.33 -3.99 4.35
CA ARG C 5 -11.97 -4.82 5.47
C ARG C 5 -12.92 -4.59 6.65
N SER C 6 -13.52 -3.39 6.71
CA SER C 6 -14.48 -3.07 7.77
C SER C 6 -15.90 -3.54 7.45
N ARG C 7 -16.10 -4.37 6.42
CA ARG C 7 -17.43 -4.96 6.25
C ARG C 7 -17.79 -5.75 7.49
N SER C 8 -19.04 -5.58 7.92
CA SER C 8 -19.47 -6.23 9.16
C SER C 8 -19.40 -7.75 9.05
N ASP C 9 -19.53 -8.29 7.83
CA ASP C 9 -19.48 -9.74 7.64
C ASP C 9 -18.19 -10.20 6.98
N ARG C 10 -17.11 -9.42 7.08
CA ARG C 10 -15.80 -9.90 6.59
C ARG C 10 -15.52 -11.30 7.08
N LYS C 11 -15.90 -11.60 8.32
CA LYS C 11 -15.61 -12.90 8.93
C LYS C 11 -16.22 -14.04 8.15
N LYS C 12 -17.14 -13.78 7.23
CA LYS C 12 -17.69 -14.84 6.41
C LYS C 12 -16.67 -15.37 5.39
N LEU C 13 -15.62 -14.59 5.07
CA LEU C 13 -14.58 -14.97 4.12
C LEU C 13 -13.16 -14.96 4.67
N ALA C 14 -12.86 -14.16 5.68
CA ALA C 14 -11.47 -13.94 6.09
C ALA C 14 -11.37 -13.74 7.59
N ILE D 2 16.64 5.01 10.97
CA ILE D 2 16.66 6.43 10.64
C ILE D 2 16.52 6.66 9.16
N LEU D 3 16.98 5.73 8.33
CA LEU D 3 16.82 5.89 6.88
C LEU D 3 15.78 4.95 6.30
N ARG D 4 15.23 4.03 7.11
CA ARG D 4 14.15 3.14 6.71
C ARG D 4 13.13 3.11 7.84
N ARG D 5 11.97 3.73 7.62
CA ARG D 5 10.97 3.88 8.65
C ARG D 5 10.37 2.53 9.08
N SER D 6 10.39 2.27 10.39
CA SER D 6 9.68 1.16 11.02
C SER D 6 8.85 1.70 12.18
N ARG D 7 7.64 1.16 12.36
CA ARG D 7 6.78 1.62 13.43
C ARG D 7 7.33 1.30 14.81
N SER D 8 8.26 0.35 14.94
CA SER D 8 8.86 0.13 16.25
C SER D 8 9.83 1.23 16.62
N ASP D 9 10.42 1.93 15.65
CA ASP D 9 11.12 3.16 16.02
C ASP D 9 10.24 4.15 16.79
N ARG D 10 8.93 3.95 16.82
CA ARG D 10 8.04 4.84 17.52
C ARG D 10 7.62 4.33 18.90
N LYS D 11 8.12 3.17 19.32
CA LYS D 11 7.84 2.72 20.67
C LYS D 11 8.47 3.70 21.65
N LYS D 12 7.79 3.91 22.78
CA LYS D 12 8.32 4.69 23.89
C LYS D 12 9.79 4.37 24.14
N LEU D 13 10.60 5.43 24.32
CA LEU D 13 12.00 5.22 24.71
C LEU D 13 12.10 4.59 26.09
N ALA D 14 11.28 5.09 27.05
CA ALA D 14 11.37 4.64 28.45
C ALA D 14 10.31 3.61 28.83
S SO4 E . 2.39 13.91 2.93
O1 SO4 E . 1.35 13.20 3.67
O2 SO4 E . 1.89 14.25 1.61
O3 SO4 E . 3.58 13.08 2.81
O4 SO4 E . 2.70 15.14 3.65
S SO4 F . 6.78 9.61 2.08
O1 SO4 F . 5.54 9.08 2.52
O2 SO4 F . 7.69 8.53 1.64
O3 SO4 F . 7.38 10.31 3.22
O4 SO4 F . 6.51 10.56 1.00
S SO4 G . -9.00 -11.34 11.92
O1 SO4 G . -10.08 -10.54 12.45
O2 SO4 G . -9.16 -12.80 11.93
O3 SO4 G . -7.76 -11.12 12.65
O4 SO4 G . -8.93 -11.00 10.53
S SO4 H . -2.79 -12.45 -4.67
O1 SO4 H . -3.36 -13.79 -4.48
O2 SO4 H . -2.69 -11.82 -3.35
O3 SO4 H . -1.45 -12.57 -5.24
O4 SO4 H . -3.63 -11.62 -5.52
S SO4 I . -13.45 -9.31 17.26
O1 SO4 I . -14.72 -8.56 17.20
O2 SO4 I . -13.62 -10.49 18.11
O3 SO4 I . -12.43 -8.42 17.82
O4 SO4 I . -13.06 -9.75 15.93
NI NI J . 0.42 8.58 -21.66
S SO4 K . -21.39 -3.03 6.82
O1 SO4 K . -22.20 -2.90 8.02
O2 SO4 K . -21.56 -4.33 6.17
O3 SO4 K . -19.98 -2.90 7.18
O4 SO4 K . -21.78 -1.96 5.90
#